data_6SDX
#
_entry.id   6SDX
#
_cell.length_a   107.898
_cell.length_b   107.898
_cell.length_c   73.847
_cell.angle_alpha   90.000
_cell.angle_beta   90.000
_cell.angle_gamma   120.000
#
_symmetry.space_group_name_H-M   'P 65'
#
loop_
_entity.id
_entity.type
_entity.pdbx_description
1 polymer 'ATP synthase'
2 non-polymer 'PHOSPHOTHIOPHOSPHORIC ACID-ADENYLATE ESTER'
3 non-polymer 'MAGNESIUM ION'
4 non-polymer GLYCEROL
5 water water
#
_entity_poly.entity_id   1
_entity_poly.type   'polypeptide(L)'
_entity_poly.pdbx_seq_one_letter_code
;MGRALSAWVGYSVLGAVLDPTGKIVERFTPEVAPISEERVIDVAPPSYASRVGVREPLITGVRAIDGLLTCGVGQRMGIF
ASAGCGKTMLMHMLIEQTEADVFVIGLIGERGREVTEFVDMLRASHKKEKCVLVFATSDFPSVDRCNAAQLATTVAEYFR
DQGKRVVLFIDSMTRYARALRDVALASGERPARRGYPASVFDNLPRLLERPGATSEGSITAFYTVLLESEEEADPMADEI
RSILDGHLYLSRKLAGQGHYPAIDVLKSVSRVFGQVTTPTHAEQASAVRKLMTRLEELQLFIDLGEYRPGENIDNDRAMQ
MRDSLKAWLCQPVAQYSSFDDTLSGMNAFADQNSAWSHPQFEK
;
_entity_poly.pdbx_strand_id   A
#
# COMPACT_ATOMS: atom_id res chain seq x y z
N ALA A 4 16.57 8.50 -21.04
CA ALA A 4 15.54 7.60 -21.56
C ALA A 4 15.98 6.14 -21.43
N LEU A 5 16.37 5.76 -20.22
CA LEU A 5 16.73 4.37 -19.96
C LEU A 5 15.53 3.47 -20.17
N SER A 6 15.69 2.43 -20.98
CA SER A 6 14.63 1.46 -21.22
C SER A 6 15.01 0.10 -20.63
N ALA A 7 14.03 -0.79 -20.62
CA ALA A 7 14.24 -2.13 -20.09
C ALA A 7 13.22 -3.07 -20.72
N TRP A 8 13.57 -4.35 -20.71
CA TRP A 8 12.68 -5.39 -21.23
C TRP A 8 11.74 -5.83 -20.12
N VAL A 9 10.44 -5.73 -20.37
CA VAL A 9 9.42 -6.14 -19.42
C VAL A 9 8.42 -7.02 -20.15
N GLY A 10 7.64 -7.76 -19.39
CA GLY A 10 6.62 -8.60 -19.99
C GLY A 10 6.46 -9.90 -19.24
N TYR A 11 5.89 -10.89 -19.93
CA TYR A 11 5.63 -12.18 -19.30
C TYR A 11 6.92 -12.89 -18.90
N SER A 12 8.06 -12.49 -19.46
CA SER A 12 9.34 -13.14 -19.15
C SER A 12 9.86 -12.78 -17.77
N VAL A 13 9.33 -11.75 -17.11
CA VAL A 13 9.76 -11.39 -15.77
C VAL A 13 8.81 -11.91 -14.69
N LEU A 14 7.76 -12.63 -15.07
CA LEU A 14 6.86 -13.21 -14.08
C LEU A 14 7.58 -14.30 -13.31
N GLY A 15 7.44 -14.25 -11.98
CA GLY A 15 8.16 -15.19 -11.14
C GLY A 15 9.65 -14.95 -11.10
N ALA A 16 10.09 -13.71 -11.31
CA ALA A 16 11.51 -13.40 -11.39
C ALA A 16 11.83 -12.20 -10.49
N VAL A 17 13.11 -12.06 -10.19
CA VAL A 17 13.64 -10.94 -9.42
C VAL A 17 14.50 -10.11 -10.37
N LEU A 18 14.17 -8.83 -10.49
CA LEU A 18 14.88 -7.94 -11.39
C LEU A 18 15.73 -6.96 -10.60
N ASP A 19 16.94 -6.72 -11.08
CA ASP A 19 17.78 -5.65 -10.57
C ASP A 19 17.33 -4.35 -11.23
N PRO A 20 17.78 -3.17 -10.74
CA PRO A 20 17.22 -1.90 -11.23
C PRO A 20 17.23 -1.70 -12.73
N THR A 21 17.92 -2.54 -13.49
CA THR A 21 18.03 -2.37 -14.94
C THR A 21 17.28 -3.43 -15.73
N GLY A 22 16.48 -4.27 -15.07
CA GLY A 22 15.69 -5.27 -15.74
C GLY A 22 16.38 -6.60 -15.94
N LYS A 23 17.61 -6.77 -15.47
CA LYS A 23 18.29 -8.05 -15.57
C LYS A 23 17.67 -9.05 -14.61
N ILE A 24 17.21 -10.18 -15.13
CA ILE A 24 16.68 -11.25 -14.29
C ILE A 24 17.86 -11.86 -13.52
N VAL A 25 17.91 -11.61 -12.22
CA VAL A 25 19.00 -12.12 -11.39
C VAL A 25 18.60 -13.39 -10.65
N GLU A 26 17.34 -13.81 -10.73
CA GLU A 26 16.84 -14.96 -10.00
C GLU A 26 15.43 -15.26 -10.47
N ARG A 27 15.08 -16.54 -10.47
CA ARG A 27 13.70 -16.97 -10.65
C ARG A 27 13.29 -17.82 -9.46
N PHE A 28 11.97 -17.86 -9.21
CA PHE A 28 11.38 -18.85 -8.33
C PHE A 28 10.25 -19.59 -9.03
N THR A 29 10.15 -19.44 -10.35
CA THR A 29 9.13 -20.06 -11.17
C THR A 29 9.73 -20.28 -12.55
N PRO A 30 9.49 -21.43 -13.17
CA PRO A 30 9.82 -21.57 -14.59
C PRO A 30 9.18 -20.44 -15.39
N GLU A 31 9.96 -19.85 -16.30
CA GLU A 31 9.51 -18.73 -17.12
C GLU A 31 8.12 -19.00 -17.70
N VAL A 32 7.20 -18.08 -17.41
CA VAL A 32 5.81 -18.30 -17.81
C VAL A 32 5.70 -18.32 -19.34
N ALA A 33 6.33 -17.35 -20.01
CA ALA A 33 6.34 -17.25 -21.46
C ALA A 33 7.40 -16.25 -21.90
N PRO A 34 8.10 -16.50 -23.02
CA PRO A 34 9.15 -15.58 -23.49
C PRO A 34 8.58 -14.43 -24.33
N ILE A 35 7.76 -13.60 -23.70
CA ILE A 35 7.14 -12.44 -24.35
C ILE A 35 7.56 -11.19 -23.59
N SER A 36 8.11 -10.22 -24.32
CA SER A 36 8.63 -9.03 -23.67
C SER A 36 8.75 -7.88 -24.67
N GLU A 37 8.39 -6.68 -24.20
CA GLU A 37 8.59 -5.43 -24.90
C GLU A 37 9.74 -4.65 -24.29
N GLU A 38 10.37 -3.81 -25.10
CA GLU A 38 11.23 -2.75 -24.60
C GLU A 38 10.35 -1.57 -24.22
N ARG A 39 10.57 -1.02 -23.02
CA ARG A 39 9.78 0.10 -22.55
C ARG A 39 10.66 1.08 -21.78
N VAL A 40 10.39 2.38 -21.96
CA VAL A 40 11.04 3.41 -21.17
C VAL A 40 10.47 3.37 -19.76
N ILE A 41 11.35 3.39 -18.77
CA ILE A 41 10.91 3.22 -17.38
C ILE A 41 10.47 4.52 -16.72
N ASP A 42 10.88 5.67 -17.24
CA ASP A 42 10.46 6.96 -16.70
C ASP A 42 9.66 7.69 -17.78
N VAL A 43 8.34 7.44 -17.78
CA VAL A 43 7.44 8.13 -18.69
C VAL A 43 6.46 8.95 -17.85
N ALA A 44 5.60 9.70 -18.51
CA ALA A 44 4.62 10.54 -17.83
C ALA A 44 3.35 9.75 -17.55
N PRO A 45 2.56 10.16 -16.55
CA PRO A 45 1.25 9.54 -16.32
C PRO A 45 0.36 9.71 -17.53
N PRO A 46 -0.62 8.82 -17.72
CA PRO A 46 -1.59 9.03 -18.80
C PRO A 46 -2.48 10.24 -18.51
N SER A 47 -3.06 10.78 -19.58
CA SER A 47 -3.90 11.95 -19.46
C SER A 47 -5.04 11.70 -18.48
N TYR A 48 -5.37 12.74 -17.69
CA TYR A 48 -6.51 12.64 -16.79
C TYR A 48 -7.79 12.31 -17.54
N ALA A 49 -7.88 12.69 -18.82
CA ALA A 49 -9.06 12.46 -19.63
C ALA A 49 -9.12 11.06 -20.22
N SER A 50 -8.04 10.28 -20.12
CA SER A 50 -8.06 8.88 -20.53
C SER A 50 -8.33 7.93 -19.37
N ARG A 51 -8.48 8.48 -18.16
CA ARG A 51 -8.80 7.65 -17.01
C ARG A 51 -10.24 7.17 -17.07
N VAL A 52 -10.52 6.19 -16.20
CA VAL A 52 -11.88 5.86 -15.79
C VAL A 52 -11.98 6.06 -14.29
N GLY A 53 -13.19 5.96 -13.77
CA GLY A 53 -13.41 6.13 -12.36
C GLY A 53 -12.95 4.92 -11.56
N VAL A 54 -12.56 5.18 -10.31
CA VAL A 54 -12.31 4.12 -9.37
C VAL A 54 -13.65 3.53 -8.98
N ARG A 55 -14.09 2.48 -9.69
CA ARG A 55 -15.42 1.95 -9.45
C ARG A 55 -15.42 0.82 -8.44
N GLU A 56 -15.00 -0.38 -8.87
CA GLU A 56 -15.09 -1.56 -8.02
C GLU A 56 -14.24 -1.38 -6.77
N PRO A 57 -14.55 -2.12 -5.72
CA PRO A 57 -13.60 -2.28 -4.62
C PRO A 57 -12.57 -3.35 -4.94
N LEU A 58 -11.40 -3.21 -4.32
CA LEU A 58 -10.38 -4.25 -4.33
C LEU A 58 -10.46 -5.00 -3.00
N ILE A 59 -10.81 -6.28 -3.06
CA ILE A 59 -10.96 -7.09 -1.87
C ILE A 59 -9.58 -7.57 -1.42
N THR A 60 -9.13 -7.08 -0.27
CA THR A 60 -7.81 -7.41 0.24
C THR A 60 -7.82 -8.60 1.19
N GLY A 61 -8.99 -9.13 1.55
CA GLY A 61 -9.08 -10.18 2.53
C GLY A 61 -8.80 -9.76 3.96
N VAL A 62 -8.37 -8.53 4.18
CA VAL A 62 -8.13 -8.01 5.52
C VAL A 62 -9.43 -7.35 6.00
N ARG A 63 -9.84 -7.68 7.23
CA ARG A 63 -11.14 -7.25 7.72
C ARG A 63 -11.19 -5.74 7.93
N ALA A 64 -10.17 -5.18 8.60
CA ALA A 64 -10.18 -3.76 8.90
C ALA A 64 -10.23 -2.93 7.62
N ILE A 65 -9.40 -3.27 6.64
CA ILE A 65 -9.34 -2.52 5.40
C ILE A 65 -10.65 -2.66 4.62
N ASP A 66 -11.08 -3.91 4.36
CA ASP A 66 -12.27 -4.13 3.55
C ASP A 66 -13.53 -3.58 4.22
N GLY A 67 -13.54 -3.51 5.55
CA GLY A 67 -14.71 -3.05 6.27
C GLY A 67 -14.79 -1.55 6.44
N LEU A 68 -13.70 -0.93 6.90
CA LEU A 68 -13.73 0.48 7.26
C LEU A 68 -12.95 1.38 6.31
N LEU A 69 -12.06 0.81 5.49
CA LEU A 69 -11.16 1.59 4.66
C LEU A 69 -11.08 0.99 3.26
N THR A 70 -12.23 0.65 2.70
CA THR A 70 -12.29 -0.16 1.48
C THR A 70 -11.52 0.49 0.33
N CYS A 71 -10.64 -0.29 -0.29
CA CYS A 71 -9.83 0.18 -1.40
C CYS A 71 -10.54 -0.02 -2.72
N GLY A 72 -10.23 0.84 -3.68
CA GLY A 72 -10.82 0.79 -5.01
C GLY A 72 -9.82 0.26 -6.04
N VAL A 73 -10.34 -0.42 -7.06
CA VAL A 73 -9.49 -0.89 -8.14
C VAL A 73 -9.01 0.31 -8.95
N GLY A 74 -7.69 0.53 -8.95
CA GLY A 74 -7.09 1.71 -9.54
C GLY A 74 -6.67 2.76 -8.52
N GLN A 75 -7.01 2.57 -7.26
CA GLN A 75 -6.65 3.53 -6.22
C GLN A 75 -5.16 3.50 -5.95
N ARG A 76 -4.66 4.59 -5.38
CA ARG A 76 -3.30 4.69 -4.86
C ARG A 76 -3.41 4.94 -3.36
N MET A 77 -2.84 4.03 -2.57
CA MET A 77 -2.97 4.06 -1.13
C MET A 77 -1.59 4.06 -0.48
N GLY A 78 -1.45 4.85 0.57
CA GLY A 78 -0.22 4.90 1.35
C GLY A 78 -0.31 4.05 2.60
N ILE A 79 0.85 3.56 3.03
CA ILE A 79 0.99 2.79 4.26
C ILE A 79 1.96 3.57 5.14
N PHE A 80 1.43 4.38 6.05
CA PHE A 80 2.21 5.32 6.83
C PHE A 80 2.50 4.72 8.21
N ALA A 81 3.79 4.59 8.53
CA ALA A 81 4.19 4.07 9.83
C ALA A 81 5.62 4.49 10.12
N SER A 82 5.93 4.64 11.40
CA SER A 82 7.32 4.75 11.82
C SER A 82 7.97 3.39 11.74
N ALA A 83 9.11 3.20 12.40
CA ALA A 83 9.84 1.95 12.28
C ALA A 83 9.22 0.88 13.18
N GLY A 84 9.25 -0.36 12.67
CA GLY A 84 8.84 -1.52 13.44
C GLY A 84 7.36 -1.71 13.60
N CYS A 85 6.53 -1.00 12.83
CA CYS A 85 5.09 -1.08 12.97
C CYS A 85 4.44 -2.09 12.03
N GLY A 86 5.20 -2.68 11.11
CA GLY A 86 4.71 -3.75 10.28
C GLY A 86 4.33 -3.40 8.86
N LYS A 87 5.03 -2.46 8.22
CA LYS A 87 4.70 -2.11 6.85
C LYS A 87 4.97 -3.27 5.89
N THR A 88 6.17 -3.86 6.00
CA THR A 88 6.52 -5.00 5.15
C THR A 88 5.60 -6.19 5.39
N MET A 89 5.27 -6.45 6.66
CA MET A 89 4.37 -7.57 6.95
C MET A 89 2.97 -7.30 6.42
N LEU A 90 2.52 -6.04 6.47
CA LEU A 90 1.23 -5.69 5.87
C LEU A 90 1.26 -5.91 4.36
N MET A 91 2.39 -5.58 3.72
CA MET A 91 2.57 -5.88 2.30
C MET A 91 2.44 -7.37 2.04
N HIS A 92 3.09 -8.19 2.87
CA HIS A 92 3.04 -9.64 2.67
C HIS A 92 1.61 -10.16 2.84
N MET A 93 0.90 -9.68 3.85
CA MET A 93 -0.49 -10.10 4.03
C MET A 93 -1.37 -9.68 2.86
N LEU A 94 -1.16 -8.46 2.34
CA LEU A 94 -1.94 -7.99 1.21
C LEU A 94 -1.66 -8.84 -0.03
N ILE A 95 -0.39 -9.17 -0.27
CA ILE A 95 -0.07 -10.06 -1.39
C ILE A 95 -0.74 -11.41 -1.19
N GLU A 96 -0.72 -11.92 0.04
CA GLU A 96 -1.27 -13.25 0.31
C GLU A 96 -2.77 -13.30 0.04
N GLN A 97 -3.51 -12.33 0.56
CA GLN A 97 -4.96 -12.45 0.60
C GLN A 97 -5.69 -11.73 -0.52
N THR A 98 -5.04 -10.83 -1.25
CA THR A 98 -5.71 -10.06 -2.29
C THR A 98 -5.74 -10.85 -3.60
N GLU A 99 -6.86 -10.73 -4.31
CA GLU A 99 -7.06 -11.39 -5.60
C GLU A 99 -6.73 -10.42 -6.73
N ALA A 100 -5.76 -10.79 -7.57
CA ALA A 100 -5.39 -10.02 -8.75
C ALA A 100 -4.62 -10.94 -9.68
N ASP A 101 -4.32 -10.44 -10.87
CA ASP A 101 -3.62 -11.24 -11.87
C ASP A 101 -2.11 -11.17 -11.70
N VAL A 102 -1.59 -9.99 -11.37
CA VAL A 102 -0.15 -9.78 -11.24
C VAL A 102 0.11 -8.97 -9.97
N PHE A 103 1.19 -9.31 -9.27
CA PHE A 103 1.67 -8.55 -8.14
C PHE A 103 3.10 -8.09 -8.44
N VAL A 104 3.34 -6.79 -8.35
CA VAL A 104 4.65 -6.21 -8.62
C VAL A 104 5.11 -5.50 -7.36
N ILE A 105 6.28 -5.89 -6.86
CA ILE A 105 6.85 -5.30 -5.66
C ILE A 105 8.13 -4.57 -6.03
N GLY A 106 8.30 -3.36 -5.50
CA GLY A 106 9.52 -2.61 -5.67
C GLY A 106 10.16 -2.27 -4.34
N LEU A 107 11.30 -2.91 -4.05
CA LEU A 107 12.04 -2.66 -2.82
C LEU A 107 13.16 -1.67 -3.12
N ILE A 108 13.04 -0.47 -2.56
CA ILE A 108 13.97 0.62 -2.82
C ILE A 108 14.83 0.82 -1.58
N GLY A 109 16.15 0.61 -1.73
CA GLY A 109 17.11 1.00 -0.73
C GLY A 109 17.05 0.32 0.63
N GLU A 110 16.71 -0.95 0.67
CA GLU A 110 16.80 -1.73 1.90
C GLU A 110 18.08 -2.54 1.91
N ARG A 111 18.40 -3.12 3.07
CA ARG A 111 19.54 -4.01 3.15
C ARG A 111 19.35 -5.22 2.24
N GLY A 112 20.46 -5.73 1.73
CA GLY A 112 20.39 -6.92 0.88
C GLY A 112 19.75 -8.11 1.56
N ARG A 113 19.98 -8.27 2.87
CA ARG A 113 19.35 -9.36 3.60
C ARG A 113 17.83 -9.22 3.65
N GLU A 114 17.33 -7.99 3.69
CA GLU A 114 15.88 -7.79 3.66
C GLU A 114 15.31 -8.21 2.31
N VAL A 115 16.02 -7.89 1.22
CA VAL A 115 15.65 -8.35 -0.11
C VAL A 115 15.61 -9.87 -0.14
N THR A 116 16.64 -10.51 0.45
CA THR A 116 16.69 -11.97 0.48
C THR A 116 15.50 -12.56 1.25
N GLU A 117 15.17 -11.97 2.39
CA GLU A 117 14.05 -12.46 3.20
C GLU A 117 12.73 -12.32 2.45
N PHE A 118 12.54 -11.18 1.78
CA PHE A 118 11.32 -11.00 1.00
C PHE A 118 11.23 -12.03 -0.12
N VAL A 119 12.35 -12.30 -0.79
CA VAL A 119 12.32 -13.28 -1.88
C VAL A 119 12.07 -14.69 -1.34
N ASP A 120 12.57 -14.99 -0.15
CA ASP A 120 12.27 -16.30 0.45
C ASP A 120 10.78 -16.43 0.75
N MET A 121 10.19 -15.39 1.36
CA MET A 121 8.74 -15.38 1.54
C MET A 121 8.02 -15.58 0.22
N LEU A 122 8.48 -14.86 -0.82
CA LEU A 122 7.86 -14.98 -2.15
C LEU A 122 7.96 -16.41 -2.68
N ARG A 123 9.09 -17.08 -2.42
CA ARG A 123 9.22 -18.48 -2.80
C ARG A 123 8.25 -19.38 -2.04
N ALA A 124 7.93 -19.04 -0.80
CA ALA A 124 7.01 -19.89 -0.03
C ALA A 124 5.57 -19.81 -0.52
N SER A 125 5.20 -18.69 -1.15
CA SER A 125 3.79 -18.38 -1.40
C SER A 125 3.20 -19.25 -2.51
N HIS A 126 1.86 -19.31 -2.53
CA HIS A 126 1.10 -20.01 -3.56
C HIS A 126 0.81 -19.14 -4.78
N LYS A 127 1.18 -17.86 -4.75
CA LYS A 127 1.03 -16.96 -5.89
C LYS A 127 2.35 -16.69 -6.60
N LYS A 128 3.34 -17.58 -6.42
CA LYS A 128 4.68 -17.37 -6.96
C LYS A 128 4.68 -16.89 -8.39
N GLU A 129 3.97 -17.59 -9.26
CA GLU A 129 4.00 -17.31 -10.69
C GLU A 129 3.32 -15.98 -11.06
N LYS A 130 2.67 -15.33 -10.10
CA LYS A 130 1.99 -14.05 -10.34
C LYS A 130 2.81 -12.84 -9.91
N CYS A 131 4.03 -13.05 -9.41
CA CYS A 131 4.77 -11.99 -8.73
C CYS A 131 6.04 -11.62 -9.49
N VAL A 132 6.38 -10.33 -9.43
CA VAL A 132 7.61 -9.79 -9.99
C VAL A 132 8.22 -8.86 -8.95
N LEU A 133 9.44 -9.16 -8.51
CA LEU A 133 10.15 -8.30 -7.57
C LEU A 133 11.24 -7.53 -8.29
N VAL A 134 11.31 -6.23 -8.03
CA VAL A 134 12.38 -5.37 -8.49
C VAL A 134 13.01 -4.74 -7.25
N PHE A 135 14.33 -4.82 -7.14
CA PHE A 135 15.00 -4.43 -5.92
C PHE A 135 16.18 -3.50 -6.21
N ALA A 136 16.54 -2.73 -5.19
CA ALA A 136 17.80 -1.99 -5.16
C ALA A 136 18.19 -1.85 -3.70
N THR A 137 19.43 -2.18 -3.37
CA THR A 137 19.88 -2.07 -2.00
C THR A 137 20.43 -0.67 -1.75
N SER A 138 20.88 -0.44 -0.51
CA SER A 138 21.49 0.84 -0.17
C SER A 138 22.87 0.99 -0.80
N ASP A 139 23.51 -0.10 -1.20
CA ASP A 139 24.81 -0.08 -1.84
C ASP A 139 24.75 0.39 -3.29
N PHE A 140 23.57 0.43 -3.89
CA PHE A 140 23.39 0.94 -5.24
C PHE A 140 23.47 2.47 -5.25
N PRO A 141 23.80 3.07 -6.39
CA PRO A 141 23.67 4.53 -6.51
C PRO A 141 22.20 4.92 -6.45
N SER A 142 21.97 6.19 -6.11
CA SER A 142 20.60 6.69 -6.02
C SER A 142 19.88 6.62 -7.36
N VAL A 143 20.63 6.78 -8.45
CA VAL A 143 20.05 6.67 -9.78
C VAL A 143 19.35 5.34 -9.95
N ASP A 144 20.02 4.25 -9.55
CA ASP A 144 19.43 2.93 -9.71
C ASP A 144 18.29 2.71 -8.72
N ARG A 145 18.32 3.37 -7.55
CA ARG A 145 17.20 3.26 -6.63
C ARG A 145 15.94 3.89 -7.23
N CYS A 146 16.09 5.04 -7.91
CA CYS A 146 14.96 5.61 -8.63
C CYS A 146 14.52 4.70 -9.79
N ASN A 147 15.49 4.17 -10.54
CA ASN A 147 15.18 3.28 -11.64
C ASN A 147 14.42 2.04 -11.18
N ALA A 148 14.66 1.59 -9.95
CA ALA A 148 13.96 0.40 -9.44
C ALA A 148 12.46 0.64 -9.36
N ALA A 149 12.05 1.76 -8.75
CA ALA A 149 10.63 2.05 -8.66
C ALA A 149 10.03 2.34 -10.04
N GLN A 150 10.76 3.09 -10.86
CA GLN A 150 10.28 3.36 -12.22
C GLN A 150 10.07 2.07 -13.00
N LEU A 151 10.95 1.08 -12.81
CA LEU A 151 10.85 -0.19 -13.53
C LEU A 151 9.71 -1.06 -13.00
N ALA A 152 9.52 -1.08 -11.69
CA ALA A 152 8.36 -1.78 -11.13
C ALA A 152 7.07 -1.20 -11.69
N THR A 153 6.98 0.13 -11.74
CA THR A 153 5.81 0.76 -12.32
C THR A 153 5.67 0.40 -13.79
N THR A 154 6.79 0.29 -14.51
CA THR A 154 6.71 -0.06 -15.93
C THR A 154 6.20 -1.48 -16.14
N VAL A 155 6.62 -2.41 -15.28
CA VAL A 155 6.12 -3.79 -15.37
C VAL A 155 4.62 -3.82 -15.11
N ALA A 156 4.19 -3.11 -14.05
CA ALA A 156 2.76 -3.01 -13.76
C ALA A 156 1.99 -2.46 -14.94
N GLU A 157 2.56 -1.45 -15.60
CA GLU A 157 1.91 -0.84 -16.76
C GLU A 157 1.81 -1.81 -17.92
N TYR A 158 2.87 -2.60 -18.15
CA TYR A 158 2.81 -3.60 -19.20
C TYR A 158 1.63 -4.54 -18.96
N PHE A 159 1.55 -5.11 -17.76
CA PHE A 159 0.49 -6.09 -17.55
C PHE A 159 -0.88 -5.44 -17.51
N ARG A 160 -0.97 -4.17 -17.12
CA ARG A 160 -2.23 -3.46 -17.24
C ARG A 160 -2.65 -3.31 -18.70
N ASP A 161 -1.70 -3.00 -19.58
CA ASP A 161 -1.98 -2.94 -21.01
C ASP A 161 -2.32 -4.31 -21.58
N GLN A 162 -1.85 -5.40 -20.96
CA GLN A 162 -2.36 -6.72 -21.32
C GLN A 162 -3.78 -6.96 -20.81
N GLY A 163 -4.34 -6.05 -20.02
CA GLY A 163 -5.71 -6.20 -19.57
C GLY A 163 -5.87 -6.87 -18.23
N LYS A 164 -4.88 -6.75 -17.35
CA LYS A 164 -4.83 -7.47 -16.09
C LYS A 164 -5.10 -6.52 -14.92
N ARG A 165 -5.59 -7.10 -13.83
CA ARG A 165 -5.68 -6.40 -12.56
C ARG A 165 -4.34 -6.53 -11.86
N VAL A 166 -3.59 -5.43 -11.76
CA VAL A 166 -2.25 -5.43 -11.21
C VAL A 166 -2.28 -4.73 -9.87
N VAL A 167 -1.48 -5.21 -8.92
CA VAL A 167 -1.26 -4.56 -7.65
C VAL A 167 0.23 -4.29 -7.51
N LEU A 168 0.58 -3.00 -7.44
CA LEU A 168 1.97 -2.57 -7.33
C LEU A 168 2.25 -2.13 -5.89
N PHE A 169 3.44 -2.50 -5.39
CA PHE A 169 3.91 -2.09 -4.08
C PHE A 169 5.23 -1.34 -4.24
N ILE A 170 5.42 -0.28 -3.44
CA ILE A 170 6.68 0.44 -3.41
C ILE A 170 7.09 0.62 -1.96
N ASP A 171 8.19 -0.02 -1.57
CA ASP A 171 8.77 0.06 -0.24
C ASP A 171 10.22 0.52 -0.41
N SER A 172 10.49 1.80 -0.14
CA SER A 172 9.50 2.76 0.32
C SER A 172 9.51 3.99 -0.56
N MET A 173 8.46 4.82 -0.44
CA MET A 173 8.46 6.09 -1.16
C MET A 173 9.34 7.12 -0.47
N THR A 174 9.57 6.96 0.83
CA THR A 174 10.53 7.81 1.53
C THR A 174 11.91 7.70 0.87
N ARG A 175 12.35 6.47 0.62
CA ARG A 175 13.68 6.26 0.05
C ARG A 175 13.72 6.67 -1.42
N TYR A 176 12.62 6.50 -2.15
CA TYR A 176 12.58 6.98 -3.54
C TYR A 176 12.67 8.50 -3.58
N ALA A 177 12.02 9.18 -2.65
CA ALA A 177 12.11 10.63 -2.57
C ALA A 177 13.52 11.07 -2.22
N ARG A 178 14.16 10.39 -1.26
CA ARG A 178 15.54 10.73 -0.92
C ARG A 178 16.48 10.49 -2.10
N ALA A 179 16.24 9.44 -2.89
CA ALA A 179 17.09 9.17 -4.04
C ALA A 179 16.88 10.21 -5.14
N LEU A 180 15.63 10.60 -5.39
CA LEU A 180 15.38 11.75 -6.26
C LEU A 180 16.14 12.98 -5.77
N ARG A 181 16.10 13.23 -4.46
CA ARG A 181 16.80 14.38 -3.90
C ARG A 181 18.30 14.30 -4.16
N ASP A 182 18.89 13.11 -3.95
CA ASP A 182 20.33 12.98 -4.11
C ASP A 182 20.75 13.12 -5.57
N VAL A 183 19.97 12.53 -6.49
CA VAL A 183 20.27 12.68 -7.91
C VAL A 183 20.12 14.13 -8.35
N ALA A 184 19.13 14.84 -7.79
CA ALA A 184 18.94 16.23 -8.15
C ALA A 184 20.08 17.10 -7.62
N LEU A 185 20.47 16.90 -6.36
CA LEU A 185 21.55 17.68 -5.77
C LEU A 185 22.86 17.44 -6.51
N ALA A 186 23.18 16.17 -6.77
CA ALA A 186 24.44 15.82 -7.43
C ALA A 186 24.40 16.10 -8.93
N SER A 187 23.64 17.13 -9.33
CA SER A 187 23.64 17.56 -10.73
C SER A 187 23.44 19.06 -10.87
N GLY A 188 23.59 19.84 -9.81
CA GLY A 188 23.52 21.28 -9.86
C GLY A 188 22.25 21.88 -9.27
N GLU A 189 21.19 21.09 -9.15
CA GLU A 189 19.92 21.62 -8.66
C GLU A 189 20.07 22.09 -7.21
N ARG A 190 19.36 23.17 -6.89
CA ARG A 190 19.49 23.77 -5.57
C ARG A 190 18.37 23.31 -4.64
N PRO A 191 18.68 23.14 -3.35
CA PRO A 191 17.62 22.80 -2.39
C PRO A 191 16.54 23.87 -2.33
N ALA A 192 15.35 23.46 -1.93
CA ALA A 192 14.22 24.39 -1.89
C ALA A 192 13.50 24.31 -0.56
N ARG A 193 13.09 23.12 -0.15
CA ARG A 193 12.35 22.90 1.09
C ARG A 193 12.97 21.71 1.81
N ARG A 194 13.51 21.96 3.00
CA ARG A 194 14.21 20.93 3.78
C ARG A 194 15.22 20.20 2.92
N GLY A 195 16.03 20.99 2.22
CA GLY A 195 17.08 20.45 1.39
C GLY A 195 16.62 19.64 0.19
N TYR A 196 15.30 19.52 -0.03
CA TYR A 196 14.87 18.83 -1.25
C TYR A 196 14.79 19.83 -2.40
N PRO A 197 15.50 19.60 -3.50
CA PRO A 197 15.31 20.45 -4.68
C PRO A 197 13.86 20.44 -5.16
N ALA A 198 13.52 21.48 -5.92
CA ALA A 198 12.13 21.67 -6.32
C ALA A 198 11.64 20.55 -7.22
N SER A 199 12.52 20.02 -8.08
CA SER A 199 12.11 19.00 -9.04
C SER A 199 11.55 17.76 -8.35
N VAL A 200 12.05 17.46 -7.14
CA VAL A 200 11.51 16.34 -6.36
C VAL A 200 9.99 16.44 -6.27
N PHE A 201 9.49 17.64 -5.97
CA PHE A 201 8.05 17.84 -5.80
C PHE A 201 7.30 17.71 -7.12
N ASP A 202 7.98 17.91 -8.25
CA ASP A 202 7.39 17.65 -9.55
C ASP A 202 7.60 16.20 -10.00
N ASN A 203 8.48 15.45 -9.33
CA ASN A 203 8.80 14.09 -9.75
C ASN A 203 8.17 13.01 -8.89
N LEU A 204 7.71 13.33 -7.68
CA LEU A 204 6.90 12.37 -6.94
C LEU A 204 5.57 12.08 -7.61
N PRO A 205 4.75 13.07 -7.98
CA PRO A 205 3.47 12.73 -8.64
C PRO A 205 3.66 12.07 -10.00
N ARG A 206 4.68 12.49 -10.76
CA ARG A 206 4.98 11.87 -12.05
C ARG A 206 5.04 10.35 -11.94
N LEU A 207 5.66 9.85 -10.88
CA LEU A 207 5.63 8.41 -10.61
C LEU A 207 4.32 7.97 -9.97
N LEU A 208 3.81 8.76 -9.02
CA LEU A 208 2.67 8.31 -8.21
C LEU A 208 1.34 8.38 -8.96
N GLU A 209 1.27 9.08 -10.08
CA GLU A 209 0.04 9.22 -10.83
C GLU A 209 -0.01 8.30 -12.05
N ARG A 210 0.93 7.37 -12.16
CA ARG A 210 0.93 6.39 -13.25
C ARG A 210 -0.06 5.25 -12.98
N PRO A 211 -0.19 4.73 -11.76
CA PRO A 211 -1.23 3.73 -11.50
C PRO A 211 -2.64 4.32 -11.56
N GLY A 212 -3.62 3.44 -11.74
CA GLY A 212 -5.00 3.83 -11.95
C GLY A 212 -5.71 2.91 -12.92
N ALA A 213 -7.04 2.94 -12.96
CA ALA A 213 -7.76 2.08 -13.88
C ALA A 213 -7.89 2.74 -15.24
N THR A 214 -7.98 1.90 -16.28
CA THR A 214 -8.12 2.36 -17.67
C THR A 214 -9.22 1.56 -18.34
N SER A 215 -9.41 1.81 -19.64
CA SER A 215 -10.36 1.03 -20.43
C SER A 215 -9.92 -0.41 -20.60
N GLU A 216 -8.63 -0.71 -20.40
CA GLU A 216 -8.14 -2.07 -20.48
C GLU A 216 -8.17 -2.72 -19.10
N GLY A 217 -7.03 -2.69 -18.41
CA GLY A 217 -6.94 -3.21 -17.07
C GLY A 217 -6.73 -2.12 -16.04
N SER A 218 -6.05 -2.44 -14.94
CA SER A 218 -5.91 -1.48 -13.85
C SER A 218 -4.65 -1.78 -13.06
N ILE A 219 -4.13 -0.74 -12.41
CA ILE A 219 -3.06 -0.85 -11.43
C ILE A 219 -3.54 -0.21 -10.14
N THR A 220 -3.63 -0.99 -9.08
CA THR A 220 -3.85 -0.47 -7.73
C THR A 220 -2.52 -0.47 -7.00
N ALA A 221 -2.19 0.66 -6.37
CA ALA A 221 -0.84 0.86 -5.85
C ALA A 221 -0.85 1.12 -4.36
N PHE A 222 0.09 0.49 -3.66
CA PHE A 222 0.36 0.75 -2.26
C PHE A 222 1.80 1.25 -2.11
N TYR A 223 1.96 2.35 -1.41
CA TYR A 223 3.26 2.98 -1.17
C TYR A 223 3.49 3.06 0.33
N THR A 224 4.66 2.61 0.79
CA THR A 224 5.00 2.73 2.19
C THR A 224 5.76 4.03 2.42
N VAL A 225 5.38 4.74 3.48
CA VAL A 225 5.99 6.00 3.85
C VAL A 225 6.46 5.91 5.29
N LEU A 226 7.72 6.26 5.53
CA LEU A 226 8.27 6.24 6.88
C LEU A 226 7.95 7.54 7.60
N LEU A 227 7.45 7.42 8.82
CA LEU A 227 7.23 8.58 9.69
C LEU A 227 8.49 8.80 10.54
N GLU A 228 9.54 9.24 9.84
CA GLU A 228 10.87 9.34 10.42
C GLU A 228 10.89 10.35 11.56
N SER A 229 10.67 9.86 12.78
CA SER A 229 10.81 10.64 14.01
C SER A 229 9.78 11.74 14.15
N GLU A 230 9.56 12.20 15.38
CA GLU A 230 8.73 13.36 15.64
C GLU A 230 9.54 14.64 15.41
N GLU A 231 8.81 15.73 15.18
CA GLU A 231 9.31 17.10 15.08
C GLU A 231 10.63 17.23 14.33
N GLU A 232 10.84 16.39 13.32
CA GLU A 232 12.02 16.55 12.48
C GLU A 232 11.61 16.98 11.08
N ALA A 233 12.25 16.39 10.07
CA ALA A 233 11.96 16.68 8.67
C ALA A 233 10.91 15.71 8.15
N ASP A 234 9.68 16.16 8.07
CA ASP A 234 8.83 15.31 7.27
C ASP A 234 8.05 16.14 6.25
N PRO A 235 8.68 16.89 5.34
CA PRO A 235 7.88 17.49 4.27
C PRO A 235 7.40 16.44 3.29
N MET A 236 8.13 15.32 3.21
CA MET A 236 7.85 14.29 2.24
C MET A 236 6.67 13.42 2.66
N ALA A 237 6.57 13.08 3.94
CA ALA A 237 5.40 12.34 4.41
C ALA A 237 4.11 13.10 4.12
N ASP A 238 4.10 14.40 4.40
CA ASP A 238 2.90 15.20 4.17
C ASP A 238 2.64 15.40 2.68
N GLU A 239 3.68 15.66 1.89
CA GLU A 239 3.48 15.82 0.45
C GLU A 239 2.95 14.54 -0.18
N ILE A 240 3.48 13.39 0.21
CA ILE A 240 3.03 12.12 -0.32
C ILE A 240 1.59 11.84 0.12
N ARG A 241 1.27 12.16 1.38
CA ARG A 241 -0.11 12.12 1.83
C ARG A 241 -1.00 12.93 0.89
N SER A 242 -0.55 14.12 0.51
CA SER A 242 -1.30 14.97 -0.40
C SER A 242 -1.54 14.28 -1.74
N ILE A 243 -0.52 13.63 -2.28
CA ILE A 243 -0.65 13.07 -3.63
C ILE A 243 -1.60 11.88 -3.67
N LEU A 244 -1.74 11.14 -2.57
CA LEU A 244 -2.40 9.84 -2.60
C LEU A 244 -3.90 9.93 -2.36
N ASP A 245 -4.59 8.84 -2.72
CA ASP A 245 -6.04 8.70 -2.57
C ASP A 245 -6.43 8.12 -1.21
N GLY A 246 -5.62 8.32 -0.19
CA GLY A 246 -5.86 7.78 1.12
C GLY A 246 -4.60 7.19 1.71
N HIS A 247 -4.74 6.71 2.94
CA HIS A 247 -3.56 6.25 3.67
C HIS A 247 -3.96 5.38 4.85
N LEU A 248 -3.09 4.43 5.17
CA LEU A 248 -3.23 3.58 6.35
C LEU A 248 -2.12 3.93 7.33
N TYR A 249 -2.50 4.43 8.50
CA TYR A 249 -1.54 4.73 9.55
C TYR A 249 -1.41 3.54 10.49
N LEU A 250 -0.17 3.10 10.71
CA LEU A 250 0.14 2.02 11.65
C LEU A 250 0.77 2.65 12.89
N SER A 251 0.08 2.57 14.01
CA SER A 251 0.59 3.10 15.27
C SER A 251 1.50 2.07 15.93
N ARG A 252 2.66 2.53 16.42
CA ARG A 252 3.51 1.62 17.20
C ARG A 252 2.94 1.34 18.58
N LYS A 253 1.94 2.11 19.02
CA LYS A 253 1.16 1.73 20.19
C LYS A 253 0.57 0.33 20.00
N LEU A 254 -0.28 0.16 18.98
CA LEU A 254 -0.85 -1.15 18.68
C LEU A 254 0.22 -2.17 18.35
N ALA A 255 1.32 -1.74 17.73
CA ALA A 255 2.37 -2.68 17.35
C ALA A 255 3.06 -3.28 18.57
N GLY A 256 3.29 -2.48 19.62
CA GLY A 256 3.89 -3.01 20.83
C GLY A 256 3.00 -4.03 21.53
N GLN A 257 1.68 -3.86 21.42
CA GLN A 257 0.76 -4.83 21.99
C GLN A 257 0.76 -6.15 21.23
N GLY A 258 1.25 -6.17 20.00
CA GLY A 258 1.07 -7.32 19.15
C GLY A 258 -0.24 -7.32 18.39
N HIS A 259 -0.89 -6.16 18.29
CA HIS A 259 -2.17 -6.04 17.60
C HIS A 259 -1.90 -5.81 16.12
N TYR A 260 -1.91 -6.89 15.34
CA TYR A 260 -1.54 -6.82 13.94
C TYR A 260 -2.73 -7.19 13.05
N PRO A 261 -2.94 -6.48 11.93
CA PRO A 261 -2.17 -5.31 11.47
C PRO A 261 -2.34 -4.10 12.38
N ALA A 262 -1.28 -3.32 12.57
CA ALA A 262 -1.29 -2.25 13.57
C ALA A 262 -2.05 -1.04 13.06
N ILE A 263 -3.13 -1.27 12.34
CA ILE A 263 -3.86 -0.19 11.69
C ILE A 263 -4.62 0.61 12.74
N ASP A 264 -4.35 1.91 12.79
CA ASP A 264 -5.12 2.87 13.58
C ASP A 264 -6.23 3.39 12.67
N VAL A 265 -7.41 2.76 12.76
CA VAL A 265 -8.50 3.04 11.83
C VAL A 265 -8.89 4.51 11.89
N LEU A 266 -8.93 5.09 13.09
CA LEU A 266 -9.35 6.48 13.25
C LEU A 266 -8.37 7.46 12.60
N LYS A 267 -7.14 7.04 12.32
CA LYS A 267 -6.16 7.87 11.65
C LYS A 267 -6.02 7.54 10.17
N SER A 268 -6.76 6.56 9.66
CA SER A 268 -6.69 6.12 8.28
C SER A 268 -7.95 6.55 7.53
N VAL A 269 -7.86 6.50 6.20
CA VAL A 269 -8.97 6.89 5.34
C VAL A 269 -8.71 6.35 3.94
N SER A 270 -9.77 5.89 3.29
CA SER A 270 -9.77 5.56 1.87
C SER A 270 -10.67 6.59 1.18
N ARG A 271 -10.04 7.54 0.48
CA ARG A 271 -10.75 8.66 -0.12
C ARG A 271 -11.71 8.23 -1.22
N VAL A 272 -11.74 6.93 -1.53
CA VAL A 272 -12.63 6.37 -2.54
C VAL A 272 -13.69 5.49 -1.91
N PHE A 273 -13.82 5.50 -0.58
CA PHE A 273 -14.75 4.61 0.10
C PHE A 273 -16.18 4.81 -0.38
N GLY A 274 -16.57 6.06 -0.64
CA GLY A 274 -17.96 6.34 -0.98
C GLY A 274 -18.40 5.68 -2.28
N GLN A 275 -17.54 5.69 -3.29
CA GLN A 275 -17.90 5.20 -4.60
C GLN A 275 -17.64 3.72 -4.81
N VAL A 276 -17.00 3.04 -3.85
CA VAL A 276 -16.71 1.62 -3.98
C VAL A 276 -17.56 0.76 -3.05
N THR A 277 -18.40 1.37 -2.22
CA THR A 277 -19.21 0.64 -1.26
C THR A 277 -20.69 0.92 -1.48
N THR A 278 -21.51 -0.06 -1.12
CA THR A 278 -22.95 0.12 -1.15
C THR A 278 -23.37 1.07 -0.03
N PRO A 279 -24.55 1.70 -0.16
CA PRO A 279 -24.97 2.64 0.90
C PRO A 279 -25.14 1.97 2.25
N THR A 280 -25.63 0.72 2.27
CA THR A 280 -25.76 -0.01 3.53
C THR A 280 -24.40 -0.18 4.19
N HIS A 281 -23.42 -0.65 3.42
CA HIS A 281 -22.06 -0.77 3.91
C HIS A 281 -21.53 0.57 4.42
N ALA A 282 -21.82 1.66 3.69
CA ALA A 282 -21.31 2.97 4.09
C ALA A 282 -21.89 3.40 5.44
N GLU A 283 -23.19 3.21 5.65
CA GLU A 283 -23.77 3.65 6.92
C GLU A 283 -23.36 2.72 8.06
N GLN A 284 -23.18 1.42 7.79
CA GLN A 284 -22.64 0.53 8.81
C GLN A 284 -21.23 0.95 9.21
N ALA A 285 -20.42 1.34 8.22
CA ALA A 285 -19.06 1.78 8.51
C ALA A 285 -19.04 3.07 9.29
N SER A 286 -19.94 4.01 8.96
CA SER A 286 -20.05 5.24 9.74
C SER A 286 -20.47 4.93 11.17
N ALA A 287 -21.39 3.99 11.36
CA ALA A 287 -21.80 3.60 12.69
C ALA A 287 -20.64 3.02 13.49
N VAL A 288 -19.85 2.14 12.86
CA VAL A 288 -18.71 1.55 13.56
C VAL A 288 -17.64 2.59 13.85
N ARG A 289 -17.48 3.58 12.98
CA ARG A 289 -16.49 4.63 13.26
C ARG A 289 -16.95 5.50 14.44
N LYS A 290 -18.25 5.83 14.49
CA LYS A 290 -18.81 6.52 15.64
C LYS A 290 -18.59 5.71 16.92
N LEU A 291 -18.84 4.40 16.85
CA LEU A 291 -18.64 3.54 18.01
C LEU A 291 -17.19 3.53 18.46
N MET A 292 -16.27 3.41 17.49
CA MET A 292 -14.84 3.41 17.79
C MET A 292 -14.43 4.68 18.50
N THR A 293 -14.80 5.84 17.94
CA THR A 293 -14.37 7.10 18.54
C THR A 293 -15.02 7.31 19.90
N ARG A 294 -16.28 6.88 20.06
CA ARG A 294 -16.93 6.97 21.37
C ARG A 294 -16.21 6.12 22.40
N LEU A 295 -15.72 4.94 22.00
CA LEU A 295 -14.99 4.08 22.93
C LEU A 295 -13.64 4.67 23.30
N GLU A 296 -12.89 5.15 22.29
CA GLU A 296 -11.58 5.72 22.55
C GLU A 296 -11.66 6.98 23.39
N GLU A 297 -12.77 7.72 23.28
CA GLU A 297 -12.97 8.88 24.16
C GLU A 297 -12.89 8.50 25.63
N LEU A 298 -13.30 7.28 25.96
CA LEU A 298 -13.26 6.78 27.33
C LEU A 298 -11.93 6.13 27.67
N GLN A 299 -11.50 5.19 26.82
CA GLN A 299 -10.41 4.24 27.04
C GLN A 299 -9.43 4.58 28.15
N LEU A 300 -8.63 5.64 27.98
CA LEU A 300 -7.50 5.91 28.84
C LEU A 300 -7.87 6.57 30.17
N PHE A 301 -9.15 6.70 30.50
CA PHE A 301 -9.54 7.34 31.75
C PHE A 301 -9.21 6.45 32.95
N ASN A 312 -17.90 0.93 36.99
CA ASN A 312 -19.24 0.39 37.07
C ASN A 312 -19.65 -0.33 35.79
N ILE A 313 -20.94 -0.61 35.67
CA ILE A 313 -21.42 -1.54 34.64
C ILE A 313 -21.42 -0.89 33.26
N ASP A 314 -21.73 0.42 33.18
CA ASP A 314 -21.62 1.13 31.92
C ASP A 314 -20.21 0.98 31.35
N ASN A 315 -19.21 1.20 32.19
CA ASN A 315 -17.82 1.04 31.79
C ASN A 315 -17.48 -0.41 31.51
N ASP A 316 -18.07 -1.36 32.25
CA ASP A 316 -17.91 -2.78 31.93
C ASP A 316 -18.33 -3.05 30.48
N ARG A 317 -19.54 -2.65 30.11
CA ARG A 317 -20.03 -2.87 28.76
C ARG A 317 -19.14 -2.17 27.74
N ALA A 318 -18.78 -0.92 28.01
CA ALA A 318 -17.96 -0.15 27.08
C ALA A 318 -16.64 -0.85 26.80
N MET A 319 -15.94 -1.28 27.85
CA MET A 319 -14.62 -1.86 27.67
C MET A 319 -14.68 -3.29 27.12
N GLN A 320 -15.73 -4.06 27.45
CA GLN A 320 -15.84 -5.38 26.82
C GLN A 320 -16.17 -5.24 25.34
N MET A 321 -16.97 -4.23 24.96
CA MET A 321 -17.19 -3.95 23.55
C MET A 321 -15.90 -3.52 22.86
N ARG A 322 -15.11 -2.71 23.55
CA ARG A 322 -13.81 -2.31 23.02
C ARG A 322 -12.92 -3.51 22.77
N ASP A 323 -12.89 -4.46 23.71
CA ASP A 323 -12.12 -5.69 23.51
C ASP A 323 -12.64 -6.49 22.32
N SER A 324 -13.96 -6.64 22.21
CA SER A 324 -14.54 -7.34 21.07
C SER A 324 -14.10 -6.72 19.75
N LEU A 325 -14.14 -5.39 19.67
CA LEU A 325 -13.78 -4.71 18.44
C LEU A 325 -12.28 -4.86 18.13
N LYS A 326 -11.43 -4.67 19.14
CA LYS A 326 -10.01 -4.87 18.95
C LYS A 326 -9.71 -6.28 18.46
N ALA A 327 -10.43 -7.27 19.00
CA ALA A 327 -10.21 -8.65 18.56
C ALA A 327 -10.67 -8.86 17.13
N TRP A 328 -11.80 -8.26 16.74
CA TRP A 328 -12.26 -8.40 15.37
C TRP A 328 -11.30 -7.73 14.39
N LEU A 329 -10.65 -6.64 14.79
CA LEU A 329 -9.70 -5.97 13.91
C LEU A 329 -8.38 -6.73 13.82
N CYS A 330 -7.96 -7.36 14.92
CA CYS A 330 -6.73 -8.13 14.92
C CYS A 330 -6.87 -9.37 14.05
N GLN A 331 -5.90 -9.58 13.16
CA GLN A 331 -6.02 -10.65 12.17
C GLN A 331 -4.65 -11.08 11.66
N PRO A 332 -4.31 -12.37 11.72
CA PRO A 332 -2.97 -12.81 11.34
C PRO A 332 -2.77 -12.81 9.82
N VAL A 333 -1.49 -12.81 9.44
CA VAL A 333 -1.13 -12.69 8.03
C VAL A 333 -1.75 -13.82 7.22
N ALA A 334 -1.66 -15.04 7.73
CA ALA A 334 -2.16 -16.21 7.02
C ALA A 334 -3.68 -16.28 6.97
N GLN A 335 -4.36 -15.43 7.73
CA GLN A 335 -5.83 -15.49 7.84
C GLN A 335 -6.48 -14.65 6.75
N TYR A 336 -7.51 -15.22 6.12
CA TYR A 336 -8.26 -14.57 5.06
C TYR A 336 -9.71 -14.43 5.47
N SER A 337 -10.31 -13.30 5.11
CA SER A 337 -11.71 -13.04 5.40
C SER A 337 -12.41 -12.61 4.13
N SER A 338 -13.41 -13.37 3.72
CA SER A 338 -14.21 -13.00 2.57
C SER A 338 -14.95 -11.69 2.84
N PHE A 339 -15.35 -11.02 1.77
CA PHE A 339 -16.05 -9.76 1.93
C PHE A 339 -17.38 -9.94 2.63
N ASP A 340 -18.03 -11.09 2.45
CA ASP A 340 -19.30 -11.36 3.13
C ASP A 340 -19.11 -11.44 4.64
N ASP A 341 -18.12 -12.22 5.09
CA ASP A 341 -17.85 -12.36 6.51
C ASP A 341 -17.48 -11.02 7.14
N THR A 342 -16.59 -10.28 6.47
CA THR A 342 -16.22 -8.95 6.93
C THR A 342 -17.45 -8.05 7.07
N LEU A 343 -18.34 -8.10 6.09
CA LEU A 343 -19.52 -7.23 6.11
C LEU A 343 -20.48 -7.63 7.23
N SER A 344 -20.59 -8.92 7.52
CA SER A 344 -21.47 -9.35 8.60
C SER A 344 -20.91 -8.92 9.95
N GLY A 345 -19.58 -8.99 10.12
CA GLY A 345 -18.98 -8.43 11.33
C GLY A 345 -19.22 -6.93 11.44
N MET A 346 -19.10 -6.22 10.32
CA MET A 346 -19.41 -4.79 10.30
C MET A 346 -20.85 -4.55 10.76
N ASN A 347 -21.79 -5.36 10.26
CA ASN A 347 -23.19 -5.21 10.64
C ASN A 347 -23.39 -5.44 12.14
N ALA A 348 -22.69 -6.43 12.69
CA ALA A 348 -22.83 -6.72 14.12
C ALA A 348 -22.33 -5.54 14.97
N PHE A 349 -21.16 -5.00 14.63
CA PHE A 349 -20.65 -3.88 15.44
C PHE A 349 -21.48 -2.61 15.23
N ALA A 350 -22.00 -2.40 14.03
CA ALA A 350 -22.94 -1.29 13.81
C ALA A 350 -24.19 -1.46 14.66
N ASP A 351 -24.70 -2.70 14.76
CA ASP A 351 -25.76 -3.00 15.72
C ASP A 351 -25.36 -2.54 17.12
N GLN A 352 -24.13 -2.84 17.51
CA GLN A 352 -23.65 -2.43 18.83
C GLN A 352 -23.61 -0.91 18.97
N ASN A 353 -23.52 -0.16 17.87
CA ASN A 353 -23.69 1.28 17.97
C ASN A 353 -25.16 1.68 18.14
N SER A 354 -26.08 0.95 17.50
CA SER A 354 -27.49 1.32 17.58
C SER A 354 -28.06 1.09 18.98
N ALA A 355 -27.92 -0.14 19.49
CA ALA A 355 -28.31 -0.45 20.87
C ALA A 355 -27.07 -0.30 21.74
N TRP A 356 -26.85 0.92 22.21
CA TRP A 356 -25.62 1.23 22.93
C TRP A 356 -25.91 1.55 24.40
N SER A 357 -24.92 1.25 25.25
CA SER A 357 -25.11 1.34 26.69
C SER A 357 -25.31 2.78 27.15
N HIS A 358 -24.58 3.72 26.54
CA HIS A 358 -24.70 5.15 26.80
C HIS A 358 -24.24 5.51 28.21
N PRO A 359 -22.96 5.82 28.41
CA PRO A 359 -22.51 6.27 29.74
C PRO A 359 -22.45 7.79 29.86
N GLN A 360 -23.07 8.50 28.93
CA GLN A 360 -23.17 9.96 29.02
C GLN A 360 -24.48 10.46 28.42
#